data_4F1W
#
_entry.id   4F1W
#
_cell.length_a   66.050
_cell.length_b   68.120
_cell.length_c   89.660
_cell.angle_alpha   90.00
_cell.angle_beta   90.00
_cell.angle_gamma   90.00
#
_symmetry.space_group_name_H-M   'P 21 21 21'
#
loop_
_entity.id
_entity.type
_entity.pdbx_description
1 polymer "5'-methylthioadenosine/S-adenosylhomocysteine nucleosidase"
2 non-polymer 'TRIETHYLENE GLYCOL'
3 non-polymer 'TETRAETHYLENE GLYCOL'
4 non-polymer 1,2-ETHANEDIOL
5 non-polymer DI(HYDROXYETHYL)ETHER
6 non-polymer ADENINE
7 water water
#
_entity_poly.entity_id   1
_entity_poly.type   'polypeptide(L)'
_entity_poly.pdbx_seq_one_letter_code
;MHHHHHHGGLVPRGSHMKIGIIGAMEEEVTLLRDKIDNRQTITLGGCEIYTGQLNGTEVALLKSGIGKVAAALGATLLLE
HCKPDVIINTGSAGGLASTLKVGDIVVSDETRYHDADVTAFGYEYGQLPGCPAGFKADDKLIAAAESCIRELNLNAVRGL
IVSGDAFINGSVGLAKIRHNFPDAVAVEMEATAIAHVCHNFNVPFVVVRAISDVADQQSHLSFDEFLAVAAKQSTLMVET
LVQKLAHG
;
_entity_poly.pdbx_strand_id   A,B
#
loop_
_chem_comp.id
_chem_comp.type
_chem_comp.name
_chem_comp.formula
ADE non-polymer ADENINE 'C5 H5 N5'
EDO non-polymer 1,2-ETHANEDIOL 'C2 H6 O2'
PEG non-polymer DI(HYDROXYETHYL)ETHER 'C4 H10 O3'
PG4 non-polymer 'TETRAETHYLENE GLYCOL' 'C8 H18 O5'
PGE non-polymer 'TRIETHYLENE GLYCOL' 'C6 H14 O4'
#
# COMPACT_ATOMS: atom_id res chain seq x y z
N MET A 17 11.82 -15.66 -20.80
CA MET A 17 10.64 -14.99 -20.17
CA MET A 17 10.67 -14.95 -20.15
C MET A 17 10.60 -15.34 -18.69
N LYS A 18 10.32 -14.36 -17.85
CA LYS A 18 10.27 -14.60 -16.43
C LYS A 18 8.93 -14.13 -15.90
N ILE A 19 8.22 -15.05 -15.26
CA ILE A 19 6.87 -14.74 -14.79
CA ILE A 19 6.85 -14.79 -14.79
C ILE A 19 6.88 -14.59 -13.28
N GLY A 20 6.37 -13.46 -12.80
CA GLY A 20 6.21 -13.22 -11.38
C GLY A 20 4.81 -13.67 -11.00
N ILE A 21 4.73 -14.36 -9.87
CA ILE A 21 3.52 -14.95 -9.33
C ILE A 21 3.38 -14.47 -7.89
N ILE A 22 2.25 -13.79 -7.62
CA ILE A 22 1.93 -13.34 -6.28
C ILE A 22 0.63 -13.99 -5.89
N GLY A 23 0.68 -14.85 -4.89
CA GLY A 23 -0.55 -15.57 -4.48
C GLY A 23 -0.96 -15.27 -3.07
N ALA A 24 -2.26 -15.14 -2.83
CA ALA A 24 -2.80 -14.94 -1.48
C ALA A 24 -3.06 -16.24 -0.74
N MET A 25 -3.31 -17.34 -1.44
CA MET A 25 -3.68 -18.58 -0.79
C MET A 25 -2.39 -19.33 -0.41
N GLU A 26 -2.20 -19.48 0.90
CA GLU A 26 -1.03 -20.12 1.46
CA GLU A 26 -0.99 -20.11 1.42
C GLU A 26 -0.76 -21.47 0.82
N GLU A 27 -1.81 -22.29 0.70
CA GLU A 27 -1.64 -23.65 0.18
C GLU A 27 -1.19 -23.63 -1.29
N GLU A 28 -1.70 -22.68 -2.07
CA GLU A 28 -1.26 -22.54 -3.46
C GLU A 28 0.23 -22.19 -3.51
N VAL A 29 0.65 -21.22 -2.70
CA VAL A 29 2.06 -20.85 -2.69
C VAL A 29 2.94 -22.03 -2.29
N THR A 30 2.51 -22.80 -1.29
CA THR A 30 3.26 -23.96 -0.83
C THR A 30 3.38 -25.00 -1.96
N LEU A 31 2.25 -25.28 -2.63
CA LEU A 31 2.29 -26.27 -3.73
C LEU A 31 3.21 -25.80 -4.87
N LEU A 32 3.09 -24.54 -5.26
CA LEU A 32 3.95 -23.99 -6.30
C LEU A 32 5.40 -24.01 -5.86
N ARG A 33 5.68 -23.62 -4.62
CA ARG A 33 7.04 -23.61 -4.12
CA ARG A 33 7.07 -23.61 -4.16
C ARG A 33 7.64 -25.02 -4.26
N ASP A 34 6.85 -26.02 -3.88
CA ASP A 34 7.28 -27.42 -3.93
C ASP A 34 7.60 -27.90 -5.36
N LYS A 35 6.89 -27.34 -6.32
CA LYS A 35 7.06 -27.68 -7.71
C LYS A 35 8.23 -27.00 -8.39
N ILE A 36 8.68 -25.86 -7.83
CA ILE A 36 9.78 -25.13 -8.43
C ILE A 36 11.09 -25.92 -8.37
N ASP A 37 11.75 -25.97 -9.51
CA ASP A 37 13.04 -26.59 -9.66
C ASP A 37 14.13 -25.57 -9.44
N ASN A 38 15.28 -26.06 -8.97
CA ASN A 38 16.39 -25.20 -8.64
C ASN A 38 16.03 -24.03 -7.76
N ARG A 39 15.25 -24.32 -6.73
CA ARG A 39 14.66 -23.28 -5.91
C ARG A 39 15.72 -22.50 -5.11
N GLN A 40 15.57 -21.19 -5.08
CA GLN A 40 16.31 -20.36 -4.16
C GLN A 40 15.29 -19.47 -3.43
N THR A 41 15.67 -19.02 -2.26
CA THR A 41 14.80 -18.20 -1.45
C THR A 41 15.54 -16.90 -1.10
N ILE A 42 14.85 -15.78 -1.33
CA ILE A 42 15.32 -14.44 -1.00
C ILE A 42 14.47 -14.03 0.21
N THR A 43 15.07 -13.80 1.37
CA THR A 43 14.33 -13.51 2.63
CA THR A 43 14.25 -13.47 2.55
C THR A 43 14.59 -12.07 3.10
N LEU A 44 13.58 -11.18 3.06
CA LEU A 44 13.74 -9.79 3.53
C LEU A 44 12.45 -8.98 3.74
N GLY A 45 12.49 -8.01 4.64
CA GLY A 45 11.34 -7.16 4.92
C GLY A 45 10.12 -7.91 5.43
N GLY A 46 10.31 -9.06 6.09
CA GLY A 46 9.19 -9.90 6.51
C GLY A 46 8.52 -10.57 5.31
N CYS A 47 9.25 -10.59 4.20
CA CYS A 47 8.78 -11.15 2.96
C CYS A 47 9.79 -12.18 2.48
N GLU A 48 9.31 -13.05 1.63
CA GLU A 48 10.09 -14.12 1.09
C GLU A 48 9.74 -14.33 -0.36
N ILE A 49 10.76 -14.46 -1.21
CA ILE A 49 10.57 -14.71 -2.64
C ILE A 49 11.24 -16.02 -2.99
N TYR A 50 10.55 -16.87 -3.73
CA TYR A 50 11.08 -18.13 -4.19
C TYR A 50 11.31 -18.03 -5.68
N THR A 51 12.51 -18.40 -6.13
CA THR A 51 12.86 -18.32 -7.51
C THR A 51 13.30 -19.68 -8.00
N GLY A 52 13.20 -19.88 -9.31
CA GLY A 52 13.62 -21.11 -9.95
C GLY A 52 12.80 -21.31 -11.19
N GLN A 53 12.61 -22.55 -11.60
CA GLN A 53 11.85 -22.82 -12.81
C GLN A 53 10.63 -23.67 -12.49
N LEU A 54 9.52 -23.30 -13.09
CA LEU A 54 8.28 -24.04 -12.95
C LEU A 54 8.02 -24.66 -14.31
N ASN A 55 8.15 -25.97 -14.38
CA ASN A 55 7.98 -26.70 -15.62
C ASN A 55 8.79 -26.04 -16.75
N GLY A 56 10.03 -25.68 -16.43
CA GLY A 56 10.94 -25.14 -17.43
C GLY A 56 10.95 -23.63 -17.63
N THR A 57 10.02 -22.92 -16.99
CA THR A 57 9.87 -21.47 -17.14
C THR A 57 10.39 -20.77 -15.89
N GLU A 58 11.24 -19.78 -16.06
CA GLU A 58 11.74 -19.03 -14.92
C GLU A 58 10.59 -18.26 -14.26
N VAL A 59 10.49 -18.41 -12.95
CA VAL A 59 9.45 -17.75 -12.18
C VAL A 59 10.03 -17.14 -10.91
N ALA A 60 9.27 -16.21 -10.36
CA ALA A 60 9.54 -15.65 -9.03
C ALA A 60 8.18 -15.61 -8.34
N LEU A 61 8.13 -16.16 -7.13
CA LEU A 61 6.90 -16.44 -6.41
C LEU A 61 6.93 -15.81 -5.02
N LEU A 62 5.83 -15.18 -4.63
CA LEU A 62 5.69 -14.58 -3.32
C LEU A 62 4.24 -14.75 -2.83
N LYS A 63 4.11 -15.02 -1.54
CA LYS A 63 2.82 -15.01 -0.86
C LYS A 63 2.53 -13.58 -0.40
N SER A 64 1.43 -13.01 -0.86
CA SER A 64 1.07 -11.66 -0.46
C SER A 64 0.68 -11.63 1.02
N GLY A 65 1.07 -10.56 1.69
CA GLY A 65 0.52 -10.27 2.98
C GLY A 65 -0.88 -9.72 2.85
N ILE A 66 -1.40 -9.29 3.98
CA ILE A 66 -2.75 -8.85 4.11
C ILE A 66 -2.86 -7.35 4.14
N GLY A 67 -3.67 -6.84 3.23
CA GLY A 67 -3.93 -5.41 3.12
C GLY A 67 -3.02 -4.75 2.08
N LYS A 68 -3.28 -3.48 1.80
CA LYS A 68 -2.67 -2.84 0.66
C LYS A 68 -1.17 -2.56 0.83
N VAL A 69 -0.76 -2.14 2.02
CA VAL A 69 0.66 -1.85 2.24
C VAL A 69 1.50 -3.10 2.17
N ALA A 70 1.08 -4.16 2.88
CA ALA A 70 1.80 -5.42 2.83
C ALA A 70 1.90 -5.96 1.41
N ALA A 71 0.82 -5.88 0.68
CA ALA A 71 0.79 -6.36 -0.70
C ALA A 71 1.71 -5.51 -1.57
N ALA A 72 1.72 -4.19 -1.38
CA ALA A 72 2.56 -3.29 -2.17
C ALA A 72 4.03 -3.51 -1.88
N LEU A 73 4.35 -3.71 -0.60
CA LEU A 73 5.71 -4.01 -0.20
C LEU A 73 6.20 -5.27 -0.91
N GLY A 74 5.42 -6.34 -0.83
CA GLY A 74 5.81 -7.58 -1.49
C GLY A 74 5.99 -7.43 -2.96
N ALA A 75 5.03 -6.77 -3.61
CA ALA A 75 5.10 -6.59 -5.05
C ALA A 75 6.31 -5.78 -5.50
N THR A 76 6.63 -4.74 -4.74
CA THR A 76 7.75 -3.89 -5.07
C THR A 76 9.05 -4.68 -4.90
N LEU A 77 9.16 -5.44 -3.82
CA LEU A 77 10.36 -6.28 -3.62
C LEU A 77 10.49 -7.29 -4.74
N LEU A 78 9.42 -7.93 -5.15
CA LEU A 78 9.50 -8.94 -6.22
CA LEU A 78 9.52 -8.95 -6.21
C LEU A 78 9.97 -8.29 -7.52
N LEU A 79 9.40 -7.14 -7.84
CA LEU A 79 9.80 -6.45 -9.05
C LEU A 79 11.26 -6.02 -9.02
N GLU A 80 11.68 -5.44 -7.91
CA GLU A 80 13.04 -4.96 -7.84
CA GLU A 80 13.06 -4.97 -7.66
C GLU A 80 14.09 -6.07 -7.80
N HIS A 81 13.79 -7.19 -7.13
CA HIS A 81 14.77 -8.27 -6.99
C HIS A 81 14.74 -9.23 -8.14
N CYS A 82 13.64 -9.32 -8.86
CA CYS A 82 13.50 -10.38 -9.85
C CYS A 82 13.23 -9.86 -11.26
N LYS A 83 12.72 -8.64 -11.40
CA LYS A 83 12.48 -8.05 -12.71
CA LYS A 83 12.49 -8.05 -12.72
C LYS A 83 11.72 -9.00 -13.65
N PRO A 84 10.56 -9.51 -13.22
CA PRO A 84 9.79 -10.33 -14.12
C PRO A 84 9.19 -9.49 -15.26
N ASP A 85 8.82 -10.18 -16.32
CA ASP A 85 8.23 -9.55 -17.50
C ASP A 85 6.75 -9.26 -17.29
N VAL A 86 6.08 -10.11 -16.51
CA VAL A 86 4.69 -9.95 -16.19
C VAL A 86 4.42 -10.45 -14.76
N ILE A 87 3.27 -10.03 -14.24
CA ILE A 87 2.77 -10.52 -12.97
C ILE A 87 1.40 -11.19 -13.14
N ILE A 88 1.30 -12.39 -12.56
CA ILE A 88 0.05 -13.11 -12.34
C ILE A 88 -0.23 -13.05 -10.85
N ASN A 89 -1.38 -12.50 -10.47
CA ASN A 89 -1.74 -12.39 -9.06
C ASN A 89 -3.02 -13.15 -8.77
N THR A 90 -2.91 -14.21 -7.96
CA THR A 90 -4.02 -15.10 -7.62
C THR A 90 -4.47 -14.94 -6.16
N GLY A 91 -5.68 -15.36 -5.90
CA GLY A 91 -6.22 -15.41 -4.56
C GLY A 91 -7.68 -15.77 -4.58
N SER A 92 -8.38 -15.43 -3.50
CA SER A 92 -9.81 -15.64 -3.41
C SER A 92 -10.47 -14.29 -3.19
N ALA A 93 -11.76 -14.24 -3.43
CA ALA A 93 -12.51 -13.02 -3.21
C ALA A 93 -13.98 -13.33 -2.91
N GLY A 94 -14.65 -12.32 -2.38
CA GLY A 94 -16.10 -12.34 -2.22
C GLY A 94 -16.78 -11.86 -3.50
N GLY A 95 -17.84 -12.56 -3.92
CA GLY A 95 -18.59 -12.18 -5.08
C GLY A 95 -19.65 -11.16 -4.73
N LEU A 96 -19.74 -10.13 -5.56
CA LEU A 96 -20.73 -9.07 -5.39
C LEU A 96 -21.92 -9.23 -6.29
N ALA A 97 -21.70 -9.81 -7.46
CA ALA A 97 -22.77 -10.09 -8.40
C ALA A 97 -23.50 -11.38 -8.00
N SER A 98 -24.82 -11.29 -7.92
CA SER A 98 -25.64 -12.41 -7.44
C SER A 98 -25.63 -13.58 -8.40
N THR A 99 -25.23 -13.32 -9.65
CA THR A 99 -25.15 -14.33 -10.68
C THR A 99 -23.87 -15.16 -10.57
N LEU A 100 -22.93 -14.74 -9.73
CA LEU A 100 -21.76 -15.59 -9.49
C LEU A 100 -22.13 -16.82 -8.69
N LYS A 101 -21.30 -17.84 -8.81
CA LYS A 101 -21.35 -19.05 -8.02
C LYS A 101 -20.03 -19.23 -7.32
N VAL A 102 -20.07 -19.85 -6.16
CA VAL A 102 -18.85 -20.25 -5.48
C VAL A 102 -18.04 -21.14 -6.39
N GLY A 103 -16.77 -20.80 -6.52
CA GLY A 103 -15.87 -21.51 -7.39
C GLY A 103 -15.69 -20.89 -8.76
N ASP A 104 -16.54 -19.94 -9.15
CA ASP A 104 -16.27 -19.11 -10.32
C ASP A 104 -14.92 -18.40 -10.15
N ILE A 105 -14.25 -18.11 -11.26
CA ILE A 105 -12.97 -17.40 -11.22
C ILE A 105 -13.13 -16.07 -11.94
N VAL A 106 -12.96 -14.98 -11.19
CA VAL A 106 -13.05 -13.67 -11.78
C VAL A 106 -11.65 -13.28 -12.29
N VAL A 107 -11.64 -12.74 -13.49
CA VAL A 107 -10.44 -12.23 -14.12
C VAL A 107 -10.61 -10.71 -14.21
N SER A 108 -9.70 -9.96 -13.61
CA SER A 108 -9.82 -8.50 -13.62
C SER A 108 -9.72 -7.90 -15.00
N ASP A 109 -10.67 -7.07 -15.36
CA ASP A 109 -10.37 -6.09 -16.40
C ASP A 109 -9.73 -4.87 -15.84
N GLU A 110 -10.12 -4.51 -14.64
CA GLU A 110 -9.67 -3.36 -13.93
C GLU A 110 -9.82 -3.58 -12.45
N THR A 111 -9.07 -2.81 -11.66
CA THR A 111 -9.14 -2.85 -10.20
CA THR A 111 -9.26 -2.84 -10.24
C THR A 111 -9.28 -1.42 -9.69
N ARG A 112 -10.08 -1.23 -8.66
CA ARG A 112 -10.24 0.06 -8.01
C ARG A 112 -10.25 -0.10 -6.49
N TYR A 113 -9.82 0.96 -5.79
CA TYR A 113 -9.93 0.98 -4.35
C TYR A 113 -11.35 1.35 -3.92
N HIS A 114 -11.96 0.56 -3.05
CA HIS A 114 -13.30 0.92 -2.51
C HIS A 114 -13.23 1.86 -1.33
N ASP A 115 -12.02 2.13 -0.83
CA ASP A 115 -11.82 2.90 0.38
C ASP A 115 -10.95 4.15 0.18
N ALA A 116 -10.68 4.54 -1.05
CA ALA A 116 -9.94 5.75 -1.32
C ALA A 116 -10.92 6.87 -1.61
N ASP A 117 -10.72 8.03 -0.97
CA ASP A 117 -11.65 9.14 -1.10
C ASP A 117 -10.92 10.47 -1.00
N VAL A 118 -10.68 11.08 -2.16
CA VAL A 118 -10.19 12.47 -2.22
CA VAL A 118 -10.19 12.46 -2.22
C VAL A 118 -11.25 13.26 -3.01
N THR A 119 -12.51 12.88 -2.81
CA THR A 119 -13.62 13.56 -3.47
C THR A 119 -13.77 15.03 -3.05
N ALA A 120 -13.21 15.40 -1.90
CA ALA A 120 -13.23 16.79 -1.46
C ALA A 120 -12.54 17.72 -2.46
N PHE A 121 -11.63 17.16 -3.26
CA PHE A 121 -10.89 17.92 -4.27
C PHE A 121 -11.35 17.64 -5.71
N GLY A 122 -12.47 16.92 -5.85
CA GLY A 122 -13.10 16.70 -7.14
C GLY A 122 -12.79 15.41 -7.85
N TYR A 123 -11.97 14.56 -7.23
CA TYR A 123 -11.66 13.27 -7.79
C TYR A 123 -12.86 12.34 -7.75
N GLU A 124 -12.88 11.40 -8.68
CA GLU A 124 -13.85 10.31 -8.66
C GLU A 124 -13.64 9.51 -7.36
N TYR A 125 -14.73 8.99 -6.77
CA TYR A 125 -14.58 8.13 -5.61
C TYR A 125 -13.71 6.91 -5.97
N GLY A 126 -12.78 6.59 -5.07
CA GLY A 126 -11.86 5.48 -5.27
C GLY A 126 -10.53 5.85 -5.93
N GLN A 127 -10.47 7.03 -6.55
CA GLN A 127 -9.30 7.48 -7.28
C GLN A 127 -8.39 8.23 -6.33
N LEU A 128 -7.09 7.96 -6.41
CA LEU A 128 -6.10 8.75 -5.71
C LEU A 128 -5.39 9.70 -6.66
N PRO A 129 -4.90 10.81 -6.13
CA PRO A 129 -4.15 11.75 -6.95
C PRO A 129 -2.92 11.08 -7.62
N GLY A 130 -2.67 11.43 -8.88
CA GLY A 130 -1.55 10.84 -9.63
C GLY A 130 -1.79 9.43 -10.11
N CYS A 131 -3.04 8.95 -9.98
CA CYS A 131 -3.42 7.62 -10.42
C CYS A 131 -4.63 7.70 -11.30
N PRO A 132 -4.76 6.72 -12.20
CA PRO A 132 -6.02 6.59 -12.87
C PRO A 132 -7.13 6.14 -11.89
N ALA A 133 -8.38 6.29 -12.30
CA ALA A 133 -9.46 5.89 -11.42
C ALA A 133 -9.47 4.41 -11.12
N GLY A 134 -9.04 3.63 -12.11
CA GLY A 134 -8.87 2.21 -12.02
C GLY A 134 -7.60 1.78 -12.74
N PHE A 135 -7.02 0.68 -12.28
CA PHE A 135 -5.78 0.14 -12.85
C PHE A 135 -6.15 -1.04 -13.74
N LYS A 136 -5.82 -0.92 -15.01
CA LYS A 136 -6.23 -1.88 -16.02
C LYS A 136 -5.24 -3.01 -16.17
N ALA A 137 -5.76 -4.24 -16.16
CA ALA A 137 -4.95 -5.40 -16.48
C ALA A 137 -4.67 -5.47 -17.97
N ASP A 138 -3.63 -6.24 -18.31
CA ASP A 138 -3.16 -6.33 -19.67
C ASP A 138 -4.11 -7.19 -20.51
N ASP A 139 -4.48 -6.68 -21.69
CA ASP A 139 -5.45 -7.38 -22.54
C ASP A 139 -4.98 -8.78 -22.91
N LYS A 140 -3.70 -8.96 -23.22
CA LYS A 140 -3.18 -10.27 -23.62
CA LYS A 140 -3.16 -10.26 -23.61
C LYS A 140 -3.24 -11.23 -22.42
N LEU A 141 -2.87 -10.73 -21.23
CA LEU A 141 -2.92 -11.57 -20.04
C LEU A 141 -4.33 -11.94 -19.62
N ILE A 142 -5.25 -11.02 -19.76
CA ILE A 142 -6.66 -11.30 -19.50
C ILE A 142 -7.11 -12.45 -20.39
N ALA A 143 -6.84 -12.32 -21.69
CA ALA A 143 -7.30 -13.34 -22.65
C ALA A 143 -6.68 -14.72 -22.36
N ALA A 144 -5.38 -14.71 -22.06
CA ALA A 144 -4.67 -15.94 -21.76
C ALA A 144 -5.19 -16.58 -20.47
N ALA A 145 -5.40 -15.78 -19.45
CA ALA A 145 -5.96 -16.31 -18.21
C ALA A 145 -7.33 -16.92 -18.42
N GLU A 146 -8.19 -16.22 -19.13
CA GLU A 146 -9.55 -16.70 -19.39
CA GLU A 146 -9.54 -16.70 -19.39
C GLU A 146 -9.51 -18.03 -20.14
N SER A 147 -8.64 -18.13 -21.14
CA SER A 147 -8.57 -19.34 -21.92
CA SER A 147 -8.55 -19.36 -21.94
CA SER A 147 -8.57 -19.35 -21.94
C SER A 147 -8.09 -20.52 -21.07
N CYS A 148 -7.08 -20.27 -20.25
CA CYS A 148 -6.57 -21.32 -19.36
CA CYS A 148 -6.57 -21.29 -19.36
C CYS A 148 -7.62 -21.80 -18.36
N ILE A 149 -8.31 -20.86 -17.75
CA ILE A 149 -9.38 -21.18 -16.80
C ILE A 149 -10.43 -22.07 -17.49
N ARG A 150 -10.87 -21.67 -18.67
CA ARG A 150 -11.91 -22.41 -19.36
CA ARG A 150 -11.88 -22.41 -19.43
C ARG A 150 -11.40 -23.81 -19.77
N GLU A 151 -10.14 -23.91 -20.17
CA GLU A 151 -9.54 -25.20 -20.50
C GLU A 151 -9.47 -26.18 -19.34
N LEU A 152 -9.47 -25.65 -18.11
CA LEU A 152 -9.51 -26.43 -16.89
C LEU A 152 -10.93 -26.76 -16.42
N ASN A 153 -11.92 -26.52 -17.28
CA ASN A 153 -13.31 -26.77 -16.98
C ASN A 153 -13.85 -25.89 -15.84
N LEU A 154 -13.31 -24.70 -15.72
CA LEU A 154 -13.77 -23.71 -14.75
C LEU A 154 -14.47 -22.58 -15.49
N ASN A 155 -15.16 -21.73 -14.75
CA ASN A 155 -15.87 -20.60 -15.30
C ASN A 155 -15.11 -19.33 -15.03
N ALA A 156 -14.71 -18.65 -16.11
CA ALA A 156 -14.03 -17.37 -16.02
C ALA A 156 -15.04 -16.27 -16.25
N VAL A 157 -15.01 -15.27 -15.38
CA VAL A 157 -15.87 -14.09 -15.44
C VAL A 157 -15.00 -12.84 -15.43
N ARG A 158 -15.01 -12.08 -16.51
CA ARG A 158 -14.22 -10.85 -16.57
CA ARG A 158 -14.24 -10.83 -16.61
C ARG A 158 -14.97 -9.69 -15.92
N GLY A 159 -14.28 -8.92 -15.10
CA GLY A 159 -14.90 -7.75 -14.55
C GLY A 159 -14.06 -6.96 -13.57
N LEU A 160 -14.68 -5.97 -12.97
CA LEU A 160 -14.05 -5.07 -12.02
C LEU A 160 -13.93 -5.75 -10.66
N ILE A 161 -12.74 -5.69 -10.08
CA ILE A 161 -12.48 -6.14 -8.72
C ILE A 161 -12.13 -4.91 -7.90
N VAL A 162 -12.76 -4.77 -6.73
CA VAL A 162 -12.45 -3.67 -5.85
C VAL A 162 -11.78 -4.21 -4.58
N SER A 163 -10.94 -3.37 -3.97
CA SER A 163 -10.10 -3.75 -2.84
CA SER A 163 -10.30 -3.80 -2.77
C SER A 163 -10.08 -2.65 -1.80
N GLY A 164 -9.88 -3.04 -0.55
CA GLY A 164 -9.65 -2.11 0.51
C GLY A 164 -9.23 -2.82 1.77
N ASP A 165 -8.78 -2.05 2.76
CA ASP A 165 -8.25 -2.63 4.00
C ASP A 165 -9.27 -3.02 5.06
N ALA A 166 -10.54 -2.90 4.74
CA ALA A 166 -11.59 -3.47 5.57
C ALA A 166 -12.04 -4.81 5.00
N PHE A 167 -12.11 -5.83 5.85
CA PHE A 167 -12.69 -7.11 5.47
C PHE A 167 -14.21 -6.98 5.53
N ILE A 168 -14.85 -7.18 4.38
CA ILE A 168 -16.27 -6.92 4.25
C ILE A 168 -16.96 -8.17 3.72
N ASN A 169 -17.83 -8.73 4.52
CA ASN A 169 -18.61 -9.92 4.07
C ASN A 169 -20.07 -9.94 4.47
N GLY A 170 -20.52 -8.90 5.19
CA GLY A 170 -21.90 -8.84 5.64
C GLY A 170 -22.80 -8.10 4.67
N SER A 171 -24.12 -8.27 4.85
CA SER A 171 -25.07 -7.72 3.91
C SER A 171 -24.93 -6.19 3.72
N VAL A 172 -24.91 -5.46 4.83
CA VAL A 172 -24.91 -4.00 4.79
C VAL A 172 -23.64 -3.48 4.11
N GLY A 173 -22.51 -4.03 4.52
CA GLY A 173 -21.22 -3.63 4.03
C GLY A 173 -21.06 -3.92 2.56
N LEU A 174 -21.50 -5.09 2.12
CA LEU A 174 -21.46 -5.42 0.70
C LEU A 174 -22.43 -4.56 -0.10
N ALA A 175 -23.61 -4.24 0.45
CA ALA A 175 -24.52 -3.35 -0.24
C ALA A 175 -23.91 -1.95 -0.43
N LYS A 176 -23.16 -1.46 0.56
CA LYS A 176 -22.49 -0.15 0.40
C LYS A 176 -21.44 -0.19 -0.70
N ILE A 177 -20.66 -1.27 -0.78
CA ILE A 177 -19.68 -1.42 -1.83
C ILE A 177 -20.38 -1.44 -3.18
N ARG A 178 -21.46 -2.20 -3.29
CA ARG A 178 -22.22 -2.28 -4.53
CA ARG A 178 -22.22 -2.28 -4.53
C ARG A 178 -22.81 -0.92 -4.96
N HIS A 179 -23.24 -0.10 -3.99
CA HIS A 179 -23.76 1.23 -4.32
C HIS A 179 -22.66 2.13 -4.90
N ASN A 180 -21.45 2.01 -4.36
CA ASN A 180 -20.35 2.85 -4.83
C ASN A 180 -19.77 2.31 -6.11
N PHE A 181 -19.79 0.98 -6.29
CA PHE A 181 -19.25 0.35 -7.48
C PHE A 181 -20.21 -0.67 -8.06
N PRO A 182 -21.30 -0.21 -8.70
CA PRO A 182 -22.32 -1.13 -9.18
C PRO A 182 -21.83 -2.15 -10.21
N ASP A 183 -20.73 -1.83 -10.91
CA ASP A 183 -20.16 -2.70 -11.91
C ASP A 183 -19.17 -3.69 -11.30
N ALA A 184 -18.85 -3.55 -10.02
CA ALA A 184 -17.87 -4.46 -9.40
C ALA A 184 -18.44 -5.88 -9.29
N VAL A 185 -17.61 -6.86 -9.63
CA VAL A 185 -17.94 -8.26 -9.60
CA VAL A 185 -18.04 -8.24 -9.53
C VAL A 185 -17.52 -8.92 -8.28
N ALA A 186 -16.41 -8.43 -7.72
CA ALA A 186 -15.81 -9.06 -6.56
C ALA A 186 -15.07 -8.05 -5.72
N VAL A 187 -14.83 -8.44 -4.46
CA VAL A 187 -14.15 -7.65 -3.49
C VAL A 187 -13.15 -8.47 -2.70
N GLU A 188 -11.99 -7.89 -2.42
CA GLU A 188 -11.01 -8.48 -1.53
C GLU A 188 -10.08 -7.39 -1.00
N MET A 189 -8.88 -7.75 -0.56
CA MET A 189 -8.06 -6.79 0.19
C MET A 189 -6.67 -6.48 -0.39
N GLU A 190 -6.26 -7.09 -1.49
CA GLU A 190 -4.93 -6.83 -2.04
C GLU A 190 -4.87 -6.49 -3.51
N ALA A 191 -5.88 -6.86 -4.31
CA ALA A 191 -5.74 -6.80 -5.76
C ALA A 191 -5.32 -5.43 -6.29
N THR A 192 -5.97 -4.40 -5.81
CA THR A 192 -5.75 -3.06 -6.35
C THR A 192 -4.34 -2.57 -5.99
N ALA A 193 -3.88 -2.92 -4.80
CA ALA A 193 -2.52 -2.53 -4.40
C ALA A 193 -1.48 -3.15 -5.36
N ILE A 194 -1.63 -4.44 -5.67
CA ILE A 194 -0.69 -5.09 -6.55
CA ILE A 194 -0.74 -5.15 -6.58
C ILE A 194 -0.79 -4.47 -7.95
N ALA A 195 -2.00 -4.22 -8.41
CA ALA A 195 -2.19 -3.60 -9.72
C ALA A 195 -1.56 -2.20 -9.78
N HIS A 196 -1.72 -1.44 -8.70
CA HIS A 196 -1.18 -0.07 -8.60
C HIS A 196 0.35 -0.12 -8.72
N VAL A 197 1.00 -1.01 -7.96
CA VAL A 197 2.44 -1.16 -8.06
C VAL A 197 2.84 -1.53 -9.48
N CYS A 198 2.19 -2.55 -10.05
CA CYS A 198 2.54 -2.97 -11.41
C CYS A 198 2.35 -1.83 -12.40
N HIS A 199 1.21 -1.15 -12.30
CA HIS A 199 0.95 -0.02 -13.16
C HIS A 199 2.07 1.03 -13.11
N ASN A 200 2.47 1.38 -11.90
CA ASN A 200 3.45 2.43 -11.69
C ASN A 200 4.84 2.04 -12.20
N PHE A 201 5.10 0.74 -12.26
CA PHE A 201 6.36 0.24 -12.84
C PHE A 201 6.19 -0.15 -14.32
N ASN A 202 5.01 0.05 -14.90
CA ASN A 202 4.74 -0.31 -16.28
C ASN A 202 4.95 -1.81 -16.55
N VAL A 203 4.57 -2.65 -15.58
CA VAL A 203 4.63 -4.09 -15.73
C VAL A 203 3.24 -4.66 -16.00
N PRO A 204 3.06 -5.39 -17.10
CA PRO A 204 1.75 -5.96 -17.37
C PRO A 204 1.36 -6.99 -16.30
N PHE A 205 0.10 -6.96 -15.90
CA PHE A 205 -0.39 -7.88 -14.90
C PHE A 205 -1.81 -8.37 -15.22
N VAL A 206 -2.17 -9.45 -14.54
CA VAL A 206 -3.57 -9.89 -14.48
C VAL A 206 -3.85 -10.37 -13.06
N VAL A 207 -5.03 -10.02 -12.55
CA VAL A 207 -5.50 -10.44 -11.27
C VAL A 207 -6.59 -11.48 -11.51
N VAL A 208 -6.49 -12.61 -10.81
CA VAL A 208 -7.43 -13.72 -10.88
CA VAL A 208 -7.52 -13.64 -10.86
C VAL A 208 -7.90 -13.99 -9.43
N ARG A 209 -9.20 -14.14 -9.21
CA ARG A 209 -9.71 -14.48 -7.90
C ARG A 209 -10.79 -15.54 -7.97
N ALA A 210 -10.61 -16.60 -7.19
CA ALA A 210 -11.63 -17.62 -7.04
C ALA A 210 -12.68 -17.13 -6.02
N ILE A 211 -13.95 -17.27 -6.37
CA ILE A 211 -15.03 -16.74 -5.56
C ILE A 211 -15.38 -17.72 -4.44
N SER A 212 -15.12 -17.32 -3.21
CA SER A 212 -15.34 -18.19 -2.04
C SER A 212 -16.75 -18.13 -1.52
N ASP A 213 -17.42 -17.00 -1.72
CA ASP A 213 -18.71 -16.71 -1.09
C ASP A 213 -19.34 -15.64 -1.95
N VAL A 214 -20.66 -15.73 -2.14
CA VAL A 214 -21.39 -14.73 -2.90
C VAL A 214 -22.25 -13.95 -1.91
N ALA A 215 -22.27 -12.64 -2.10
CA ALA A 215 -23.04 -11.75 -1.24
C ALA A 215 -24.43 -12.30 -0.99
N ASP A 216 -24.79 -12.34 0.30
CA ASP A 216 -26.13 -12.68 0.77
C ASP A 216 -26.56 -14.13 0.54
N GLN A 217 -25.61 -14.98 0.19
CA GLN A 217 -25.85 -16.40 -0.04
C GLN A 217 -24.92 -17.21 0.81
N GLN A 218 -25.45 -18.22 1.47
CA GLN A 218 -24.62 -19.07 2.31
C GLN A 218 -23.94 -20.13 1.46
N SER A 219 -22.61 -20.12 1.42
CA SER A 219 -21.89 -21.18 0.77
C SER A 219 -22.14 -22.54 1.43
N HIS A 220 -22.12 -23.58 0.60
CA HIS A 220 -22.15 -24.97 1.05
C HIS A 220 -20.82 -25.43 1.70
N LEU A 221 -19.75 -24.63 1.55
CA LEU A 221 -18.43 -24.96 2.05
C LEU A 221 -18.01 -23.95 3.10
N SER A 222 -17.32 -24.42 4.12
CA SER A 222 -16.55 -23.54 4.99
C SER A 222 -15.44 -22.87 4.18
N PHE A 223 -14.88 -21.77 4.69
CA PHE A 223 -13.74 -21.17 3.98
C PHE A 223 -12.53 -22.13 3.87
N ASP A 224 -12.24 -22.86 4.93
CA ASP A 224 -11.15 -23.84 4.87
C ASP A 224 -11.37 -24.93 3.82
N GLU A 225 -12.61 -25.43 3.71
CA GLU A 225 -12.96 -26.42 2.70
C GLU A 225 -12.81 -25.82 1.31
N PHE A 226 -13.27 -24.58 1.16
CA PHE A 226 -13.12 -23.89 -0.11
C PHE A 226 -11.65 -23.77 -0.50
N LEU A 227 -10.83 -23.33 0.43
CA LEU A 227 -9.40 -23.15 0.16
C LEU A 227 -8.72 -24.46 -0.23
N ALA A 228 -9.11 -25.56 0.40
CA ALA A 228 -8.51 -26.87 0.09
C ALA A 228 -8.69 -27.22 -1.39
N VAL A 229 -9.86 -26.95 -1.96
CA VAL A 229 -10.06 -27.22 -3.37
CA VAL A 229 -10.13 -27.18 -3.38
C VAL A 229 -9.56 -26.06 -4.24
N ALA A 230 -9.83 -24.84 -3.85
CA ALA A 230 -9.48 -23.68 -4.67
C ALA A 230 -7.99 -23.52 -4.84
N ALA A 231 -7.22 -23.82 -3.80
CA ALA A 231 -5.76 -23.72 -3.89
C ALA A 231 -5.17 -24.72 -4.87
N LYS A 232 -5.72 -25.93 -4.90
CA LYS A 232 -5.31 -26.94 -5.85
C LYS A 232 -5.65 -26.53 -7.27
N GLN A 233 -6.85 -25.98 -7.46
CA GLN A 233 -7.30 -25.55 -8.78
CA GLN A 233 -7.27 -25.58 -8.79
C GLN A 233 -6.46 -24.38 -9.26
N SER A 234 -6.19 -23.45 -8.34
CA SER A 234 -5.43 -22.25 -8.68
C SER A 234 -3.98 -22.59 -9.03
N THR A 235 -3.40 -23.54 -8.29
CA THR A 235 -2.06 -24.04 -8.63
C THR A 235 -2.01 -24.55 -10.06
N LEU A 236 -2.98 -25.38 -10.43
CA LEU A 236 -3.03 -25.91 -11.79
C LEU A 236 -3.23 -24.79 -12.82
N MET A 237 -4.09 -23.84 -12.51
CA MET A 237 -4.29 -22.67 -13.37
CA MET A 237 -4.28 -22.68 -13.38
C MET A 237 -2.99 -21.91 -13.60
N VAL A 238 -2.23 -21.68 -12.52
CA VAL A 238 -0.96 -20.98 -12.64
C VAL A 238 0.02 -21.78 -13.53
N GLU A 239 0.15 -23.08 -13.27
CA GLU A 239 1.08 -23.88 -14.06
C GLU A 239 0.71 -23.80 -15.54
N THR A 240 -0.60 -23.88 -15.80
CA THR A 240 -1.11 -23.86 -17.17
C THR A 240 -0.85 -22.52 -17.83
N LEU A 241 -1.11 -21.43 -17.11
CA LEU A 241 -0.92 -20.10 -17.66
C LEU A 241 0.56 -19.76 -17.87
N VAL A 242 1.41 -20.14 -16.91
CA VAL A 242 2.85 -19.97 -17.07
C VAL A 242 3.35 -20.65 -18.34
N GLN A 243 2.91 -21.90 -18.56
CA GLN A 243 3.31 -22.64 -19.75
C GLN A 243 2.80 -21.96 -21.03
N LYS A 244 1.56 -21.46 -20.99
CA LYS A 244 0.99 -20.82 -22.18
C LYS A 244 1.73 -19.55 -22.52
N LEU A 245 2.10 -18.78 -21.50
CA LEU A 245 2.75 -17.51 -21.73
C LEU A 245 4.18 -17.66 -22.24
N ALA A 246 4.89 -18.64 -21.73
CA ALA A 246 6.31 -18.80 -22.02
C ALA A 246 6.60 -19.66 -23.26
N HIS A 247 5.72 -20.62 -23.53
CA HIS A 247 6.03 -21.69 -24.46
C HIS A 247 4.94 -21.85 -25.52
N SER B 15 28.60 12.37 6.14
CA SER B 15 28.21 12.23 7.58
C SER B 15 28.12 10.74 7.97
N HIS B 16 28.19 10.46 9.26
CA HIS B 16 28.10 9.09 9.74
C HIS B 16 26.76 8.46 9.36
N MET B 17 25.70 9.22 9.54
CA MET B 17 24.34 8.79 9.23
C MET B 17 23.87 9.34 7.91
N LYS B 18 23.08 8.52 7.21
CA LYS B 18 22.35 8.96 6.03
C LYS B 18 20.89 9.04 6.42
N ILE B 19 20.33 10.23 6.30
CA ILE B 19 18.97 10.49 6.77
C ILE B 19 18.00 10.40 5.60
N GLY B 20 17.06 9.45 5.70
CA GLY B 20 16.00 9.34 4.73
C GLY B 20 14.83 10.24 5.10
N ILE B 21 14.28 10.91 4.08
CA ILE B 21 13.20 11.85 4.30
C ILE B 21 12.13 11.53 3.25
N ILE B 22 10.87 11.40 3.64
CA ILE B 22 9.79 11.10 2.70
C ILE B 22 8.69 12.14 2.83
N GLY B 23 8.36 12.75 1.69
CA GLY B 23 7.15 13.57 1.58
C GLY B 23 6.34 13.12 0.40
N ALA B 24 5.04 13.38 0.40
CA ALA B 24 4.14 12.85 -0.65
C ALA B 24 4.09 13.71 -1.89
N MET B 25 4.01 15.02 -1.67
CA MET B 25 3.68 15.98 -2.71
C MET B 25 4.85 16.85 -3.11
N GLU B 26 4.80 17.35 -4.35
CA GLU B 26 5.75 18.36 -4.81
C GLU B 26 5.93 19.49 -3.79
N GLU B 27 4.82 20.02 -3.31
CA GLU B 27 4.84 21.14 -2.36
C GLU B 27 5.54 20.83 -1.06
N GLU B 28 5.50 19.56 -0.66
CA GLU B 28 6.08 19.14 0.57
C GLU B 28 7.59 18.89 0.51
N VAL B 29 8.09 18.58 -0.68
CA VAL B 29 9.51 18.27 -0.87
C VAL B 29 10.32 19.36 -1.50
N THR B 30 9.67 20.34 -2.13
CA THR B 30 10.37 21.28 -2.99
C THR B 30 11.41 22.12 -2.26
N LEU B 31 11.08 22.59 -1.06
CA LEU B 31 12.01 23.41 -0.32
C LEU B 31 13.28 22.65 0.11
N LEU B 32 13.11 21.42 0.61
CA LEU B 32 14.26 20.58 0.94
C LEU B 32 15.06 20.22 -0.29
N ARG B 33 14.39 19.86 -1.36
CA ARG B 33 15.07 19.43 -2.58
C ARG B 33 16.01 20.51 -3.09
N ASP B 34 15.57 21.77 -3.02
CA ASP B 34 16.36 22.86 -3.58
CA ASP B 34 16.34 22.90 -3.54
C ASP B 34 17.63 23.13 -2.76
N LYS B 35 17.70 22.61 -1.53
CA LYS B 35 18.85 22.81 -0.65
C LYS B 35 19.88 21.68 -0.73
N ILE B 36 19.61 20.63 -1.49
CA ILE B 36 20.53 19.50 -1.59
C ILE B 36 21.70 19.81 -2.52
N ASP B 37 22.90 19.68 -1.97
CA ASP B 37 24.14 19.82 -2.72
CA ASP B 37 24.16 19.78 -2.70
C ASP B 37 24.49 18.45 -3.34
N ASN B 38 25.21 18.50 -4.46
CA ASN B 38 25.58 17.31 -5.20
C ASN B 38 24.37 16.46 -5.51
N ARG B 39 23.28 17.10 -5.88
CA ARG B 39 22.03 16.39 -6.06
C ARG B 39 22.05 15.46 -7.28
N GLN B 40 21.58 14.25 -7.07
CA GLN B 40 21.27 13.30 -8.13
C GLN B 40 19.82 12.87 -7.92
N THR B 41 19.15 12.54 -9.03
CA THR B 41 17.77 12.09 -9.03
C THR B 41 17.61 10.68 -9.58
N ILE B 42 16.94 9.82 -8.81
CA ILE B 42 16.59 8.44 -9.18
C ILE B 42 15.08 8.49 -9.46
N THR B 43 14.66 8.07 -10.63
CA THR B 43 13.25 8.06 -10.97
C THR B 43 12.85 6.63 -11.28
N LEU B 44 12.01 6.06 -10.44
CA LEU B 44 11.67 4.66 -10.53
CA LEU B 44 11.66 4.64 -10.53
C LEU B 44 10.28 4.45 -9.97
N GLY B 45 9.47 3.64 -10.64
CA GLY B 45 8.19 3.25 -10.09
C GLY B 45 7.22 4.37 -9.80
N GLY B 46 7.33 5.49 -10.51
CA GLY B 46 6.40 6.58 -10.24
C GLY B 46 6.83 7.57 -9.17
N CYS B 47 7.98 7.31 -8.55
CA CYS B 47 8.53 8.09 -7.46
CA CYS B 47 8.46 8.20 -7.50
C CYS B 47 9.79 8.81 -7.92
N GLU B 48 10.23 9.78 -7.12
CA GLU B 48 11.50 10.45 -7.35
C GLU B 48 12.29 10.40 -6.05
N ILE B 49 13.58 10.05 -6.12
CA ILE B 49 14.48 10.10 -4.98
C ILE B 49 15.63 11.05 -5.32
N TYR B 50 15.91 11.98 -4.41
CA TYR B 50 16.97 12.94 -4.56
C TYR B 50 18.02 12.66 -3.48
N THR B 51 19.25 12.48 -3.93
CA THR B 51 20.35 12.15 -3.04
C THR B 51 21.37 13.26 -3.09
N GLY B 52 22.09 13.43 -1.99
CA GLY B 52 23.14 14.45 -1.88
C GLY B 52 23.32 14.82 -0.45
N GLN B 53 23.78 16.04 -0.21
CA GLN B 53 23.97 16.50 1.14
C GLN B 53 23.11 17.71 1.44
N LEU B 54 22.56 17.73 2.65
CA LEU B 54 21.78 18.86 3.14
C LEU B 54 22.58 19.46 4.28
N ASN B 55 23.12 20.65 4.09
CA ASN B 55 23.97 21.28 5.08
C ASN B 55 25.09 20.33 5.57
N GLY B 56 25.69 19.59 4.62
CA GLY B 56 26.76 18.63 4.83
C GLY B 56 26.36 17.21 5.24
N THR B 57 25.08 17.00 5.54
CA THR B 57 24.60 15.70 6.00
C THR B 57 24.07 14.92 4.81
N GLU B 58 24.48 13.66 4.69
CA GLU B 58 23.99 12.81 3.60
C GLU B 58 22.50 12.58 3.81
N VAL B 59 21.72 12.81 2.76
CA VAL B 59 20.30 12.59 2.77
C VAL B 59 19.82 11.86 1.54
N ALA B 60 18.65 11.26 1.67
CA ALA B 60 17.95 10.66 0.53
C ALA B 60 16.49 11.04 0.73
N LEU B 61 16.01 11.91 -0.15
CA LEU B 61 14.71 12.53 -0.08
C LEU B 61 13.81 11.91 -1.16
N LEU B 62 12.74 11.27 -0.72
CA LEU B 62 11.74 10.65 -1.58
C LEU B 62 10.50 11.53 -1.70
N LYS B 63 10.05 11.74 -2.92
CA LYS B 63 8.69 12.25 -3.22
C LYS B 63 7.86 11.02 -3.61
N SER B 64 6.97 10.59 -2.75
CA SER B 64 6.34 9.28 -2.89
C SER B 64 5.09 9.26 -3.75
N GLY B 65 4.39 10.38 -3.81
CA GLY B 65 2.99 10.37 -4.23
C GLY B 65 2.07 10.14 -3.03
N ILE B 66 0.76 10.32 -3.26
CA ILE B 66 -0.24 10.34 -2.21
C ILE B 66 -0.85 8.97 -1.94
N GLY B 67 -1.02 8.66 -0.68
CA GLY B 67 -1.74 7.50 -0.22
C GLY B 67 -0.82 6.36 0.20
N LYS B 68 -1.44 5.31 0.67
CA LYS B 68 -0.73 4.25 1.39
C LYS B 68 0.14 3.42 0.48
N VAL B 69 -0.38 3.01 -0.67
CA VAL B 69 0.43 2.19 -1.60
C VAL B 69 1.57 2.99 -2.20
N ALA B 70 1.32 4.24 -2.59
CA ALA B 70 2.40 5.08 -3.09
C ALA B 70 3.49 5.22 -2.06
N ALA B 71 3.12 5.46 -0.81
CA ALA B 71 4.08 5.60 0.25
C ALA B 71 4.84 4.31 0.48
N ALA B 72 4.13 3.18 0.47
CA ALA B 72 4.79 1.91 0.69
C ALA B 72 5.79 1.55 -0.42
N LEU B 73 5.35 1.73 -1.65
CA LEU B 73 6.21 1.51 -2.82
C LEU B 73 7.46 2.39 -2.71
N GLY B 74 7.24 3.68 -2.48
CA GLY B 74 8.36 4.59 -2.39
C GLY B 74 9.31 4.31 -1.25
N ALA B 75 8.76 4.03 -0.07
CA ALA B 75 9.61 3.71 1.08
C ALA B 75 10.46 2.48 0.78
N THR B 76 9.86 1.47 0.13
CA THR B 76 10.62 0.27 -0.19
C THR B 76 11.78 0.62 -1.13
N LEU B 77 11.50 1.42 -2.17
CA LEU B 77 12.58 1.83 -3.07
C LEU B 77 13.66 2.63 -2.36
N LEU B 78 13.24 3.54 -1.49
CA LEU B 78 14.21 4.33 -0.75
C LEU B 78 15.13 3.43 0.08
N LEU B 79 14.55 2.50 0.80
CA LEU B 79 15.31 1.58 1.63
C LEU B 79 16.30 0.75 0.79
N GLU B 80 15.81 0.21 -0.32
CA GLU B 80 16.65 -0.67 -1.13
C GLU B 80 17.75 0.06 -1.86
N HIS B 81 17.45 1.25 -2.40
CA HIS B 81 18.44 1.97 -3.22
C HIS B 81 19.42 2.78 -2.40
N CYS B 82 18.96 3.30 -1.27
CA CYS B 82 19.72 4.25 -0.51
C CYS B 82 20.15 3.79 0.86
N LYS B 83 19.46 2.82 1.44
CA LYS B 83 19.81 2.30 2.74
C LYS B 83 20.03 3.40 3.78
N PRO B 84 19.06 4.31 3.91
CA PRO B 84 19.20 5.31 5.00
C PRO B 84 19.15 4.66 6.36
N ASP B 85 19.81 5.29 7.32
CA ASP B 85 19.86 4.80 8.70
C ASP B 85 18.57 4.97 9.45
N VAL B 86 17.84 6.03 9.09
CA VAL B 86 16.58 6.38 9.73
C VAL B 86 15.70 7.00 8.65
N ILE B 87 14.39 7.03 8.89
CA ILE B 87 13.39 7.66 8.03
CA ILE B 87 13.46 7.74 8.00
C ILE B 87 12.61 8.70 8.81
N ILE B 88 12.54 9.92 8.29
CA ILE B 88 11.61 10.94 8.76
C ILE B 88 10.55 11.17 7.69
N ASN B 89 9.30 11.03 8.07
CA ASN B 89 8.18 11.35 7.19
C ASN B 89 7.75 12.75 7.49
N THR B 90 7.75 13.58 6.48
CA THR B 90 7.33 14.94 6.63
C THR B 90 6.21 15.32 5.72
N GLY B 91 5.80 16.59 5.80
CA GLY B 91 4.67 17.13 5.06
C GLY B 91 3.58 17.71 5.92
N SER B 92 2.40 17.77 5.36
CA SER B 92 1.21 18.31 5.96
C SER B 92 0.43 17.27 6.74
N ALA B 93 -0.53 17.71 7.53
CA ALA B 93 -1.41 16.82 8.25
C ALA B 93 -2.64 17.58 8.67
N GLY B 94 -3.71 16.84 8.88
CA GLY B 94 -4.92 17.35 9.48
C GLY B 94 -4.85 17.29 10.98
N GLY B 95 -4.97 18.42 11.66
CA GLY B 95 -4.89 18.46 13.10
C GLY B 95 -6.15 18.05 13.80
N LEU B 96 -6.00 17.15 14.80
CA LEU B 96 -7.13 16.68 15.58
C LEU B 96 -7.05 17.16 17.04
N ALA B 97 -5.85 17.32 17.58
CA ALA B 97 -5.67 17.82 18.95
C ALA B 97 -6.08 19.28 19.05
N SER B 98 -6.64 19.64 20.21
CA SER B 98 -7.32 20.92 20.34
C SER B 98 -6.37 22.11 20.35
N THR B 99 -5.09 21.84 20.60
CA THR B 99 -4.12 22.90 20.77
C THR B 99 -3.36 23.21 19.49
N LEU B 100 -3.65 22.48 18.42
CA LEU B 100 -2.94 22.65 17.15
C LEU B 100 -3.54 23.75 16.24
N LYS B 101 -2.70 24.70 15.91
CA LYS B 101 -2.98 25.73 14.94
C LYS B 101 -2.36 25.34 13.60
N VAL B 102 -2.84 25.92 12.52
CA VAL B 102 -2.15 25.76 11.23
C VAL B 102 -0.70 26.18 11.40
N GLY B 103 0.18 25.34 10.87
CA GLY B 103 1.63 25.53 10.94
C GLY B 103 2.30 24.86 12.11
N ASP B 104 1.53 24.45 13.12
CA ASP B 104 2.12 23.76 14.26
C ASP B 104 2.60 22.37 13.90
N ILE B 105 3.50 21.86 14.71
CA ILE B 105 4.15 20.60 14.45
C ILE B 105 3.45 19.46 15.18
N VAL B 106 3.36 18.30 14.47
CA VAL B 106 2.98 17.05 15.11
CA VAL B 106 2.96 17.06 15.09
C VAL B 106 4.10 16.03 14.95
N VAL B 107 4.37 15.36 16.05
CA VAL B 107 5.36 14.32 16.09
C VAL B 107 4.70 13.02 16.50
N SER B 108 4.90 11.97 15.72
CA SER B 108 4.36 10.68 16.10
C SER B 108 5.03 10.06 17.30
N ASP B 109 4.25 9.62 18.27
CA ASP B 109 4.74 8.53 19.12
C ASP B 109 4.37 7.15 18.59
N GLU B 110 3.35 7.10 17.73
CA GLU B 110 2.86 5.87 17.17
CA GLU B 110 2.72 5.88 17.27
C GLU B 110 1.99 6.21 15.97
N THR B 111 1.85 5.23 15.07
CA THR B 111 0.98 5.35 13.90
C THR B 111 0.06 4.15 13.84
N ARG B 112 -1.17 4.42 13.39
CA ARG B 112 -2.16 3.37 13.14
C ARG B 112 -2.94 3.67 11.89
N TYR B 113 -3.40 2.62 11.23
CA TYR B 113 -4.36 2.76 10.13
C TYR B 113 -5.76 3.04 10.67
N HIS B 114 -6.41 4.14 10.27
CA HIS B 114 -7.75 4.36 10.73
C HIS B 114 -8.80 3.62 9.93
N ASP B 115 -8.42 3.09 8.77
CA ASP B 115 -9.34 2.50 7.80
C ASP B 115 -9.08 1.02 7.55
N ALA B 116 -8.32 0.38 8.43
CA ALA B 116 -8.15 -1.06 8.37
C ALA B 116 -9.09 -1.72 9.37
N ASP B 117 -9.75 -2.80 8.93
CA ASP B 117 -10.69 -3.50 9.79
C ASP B 117 -10.76 -4.98 9.48
N VAL B 118 -10.12 -5.76 10.34
CA VAL B 118 -10.22 -7.21 10.33
C VAL B 118 -10.69 -7.64 11.74
N THR B 119 -11.52 -6.79 12.31
CA THR B 119 -12.12 -7.08 13.62
C THR B 119 -12.96 -8.36 13.62
N ALA B 120 -13.46 -8.77 12.46
CA ALA B 120 -14.19 -10.05 12.36
C ALA B 120 -13.33 -11.24 12.76
N PHE B 121 -12.02 -11.07 12.69
CA PHE B 121 -11.09 -12.13 13.05
C PHE B 121 -10.43 -11.87 14.40
N GLY B 122 -10.96 -10.92 15.19
CA GLY B 122 -10.47 -10.71 16.54
C GLY B 122 -9.34 -9.71 16.70
N TYR B 123 -8.98 -9.04 15.62
CA TYR B 123 -7.94 -8.02 15.66
C TYR B 123 -8.49 -6.72 16.22
N GLU B 124 -7.60 -5.91 16.79
CA GLU B 124 -7.95 -4.58 17.21
CA GLU B 124 -7.94 -4.56 17.21
C GLU B 124 -8.35 -3.79 15.97
N TYR B 125 -9.32 -2.90 16.09
CA TYR B 125 -9.64 -2.05 14.96
C TYR B 125 -8.38 -1.28 14.50
N GLY B 126 -8.15 -1.22 13.19
CA GLY B 126 -6.99 -0.59 12.61
C GLY B 126 -5.79 -1.50 12.40
N GLN B 127 -5.74 -2.65 13.08
CA GLN B 127 -4.65 -3.60 12.98
C GLN B 127 -4.85 -4.49 11.78
N LEU B 128 -3.77 -4.78 11.08
CA LEU B 128 -3.77 -5.80 10.05
C LEU B 128 -2.95 -7.00 10.50
N PRO B 129 -3.33 -8.17 10.03
CA PRO B 129 -2.58 -9.37 10.38
C PRO B 129 -1.12 -9.26 10.03
N GLY B 130 -0.24 -9.74 10.91
CA GLY B 130 1.19 -9.68 10.72
C GLY B 130 1.82 -8.39 11.19
N CYS B 131 1.00 -7.46 11.69
CA CYS B 131 1.46 -6.20 12.19
C CYS B 131 0.99 -5.97 13.59
N PRO B 132 1.76 -5.20 14.39
CA PRO B 132 1.23 -4.72 15.66
C PRO B 132 0.06 -3.80 15.40
N ALA B 133 -0.79 -3.61 16.40
CA ALA B 133 -1.94 -2.76 16.23
C ALA B 133 -1.57 -1.32 15.89
N GLY B 134 -0.48 -0.86 16.48
CA GLY B 134 0.13 0.39 16.13
C GLY B 134 1.64 0.20 16.06
N PHE B 135 2.27 1.03 15.27
CA PHE B 135 3.71 1.03 15.09
C PHE B 135 4.28 2.12 15.96
N LYS B 136 5.16 1.74 16.90
CA LYS B 136 5.80 2.73 17.77
CA LYS B 136 5.82 2.70 17.78
C LYS B 136 6.92 3.43 17.04
N ALA B 137 6.90 4.76 17.08
CA ALA B 137 7.99 5.54 16.53
C ALA B 137 9.23 5.44 17.43
N ASP B 138 10.38 5.65 16.82
CA ASP B 138 11.63 5.48 17.53
C ASP B 138 11.84 6.53 18.64
N ASP B 139 12.09 6.08 19.87
CA ASP B 139 12.24 7.00 21.01
C ASP B 139 13.33 8.05 20.84
N LYS B 140 14.47 7.65 20.27
CA LYS B 140 15.56 8.60 20.07
CA LYS B 140 15.57 8.58 20.08
C LYS B 140 15.18 9.65 19.05
N LEU B 141 14.49 9.24 18.00
CA LEU B 141 14.03 10.18 16.99
C LEU B 141 12.99 11.14 17.57
N ILE B 142 12.07 10.62 18.39
CA ILE B 142 11.08 11.47 19.05
C ILE B 142 11.80 12.50 19.92
N ALA B 143 12.75 12.03 20.73
CA ALA B 143 13.49 12.94 21.63
C ALA B 143 14.22 14.02 20.84
N ALA B 144 14.85 13.62 19.74
CA ALA B 144 15.54 14.58 18.92
C ALA B 144 14.57 15.60 18.33
N ALA B 145 13.44 15.12 17.83
CA ALA B 145 12.43 16.06 17.30
C ALA B 145 11.96 17.05 18.32
N GLU B 146 11.72 16.58 19.54
CA GLU B 146 11.27 17.44 20.61
C GLU B 146 12.32 18.49 21.02
N SER B 147 13.60 18.09 20.99
CA SER B 147 14.69 19.03 21.26
C SER B 147 14.68 20.13 20.19
N CYS B 148 14.46 19.74 18.94
CA CYS B 148 14.40 20.74 17.85
C CYS B 148 13.23 21.71 18.04
N ILE B 149 12.06 21.17 18.41
CA ILE B 149 10.90 22.00 18.69
C ILE B 149 11.23 23.05 19.73
N ARG B 150 11.92 22.65 20.79
CA ARG B 150 12.26 23.57 21.84
C ARG B 150 13.29 24.59 21.37
N GLU B 151 14.28 24.14 20.60
CA GLU B 151 15.30 25.06 20.09
C GLU B 151 14.71 26.10 19.16
N LEU B 152 13.69 25.72 18.39
CA LEU B 152 13.07 26.59 17.40
C LEU B 152 11.88 27.36 17.99
N ASN B 153 11.57 27.09 19.25
CA ASN B 153 10.42 27.72 19.94
C ASN B 153 9.07 27.57 19.22
N LEU B 154 8.80 26.36 18.76
CA LEU B 154 7.55 26.04 18.07
C LEU B 154 6.53 25.38 19.01
N ASN B 155 5.27 25.47 18.62
CA ASN B 155 4.20 24.73 19.24
C ASN B 155 4.03 23.39 18.55
N ALA B 156 3.91 22.35 19.35
CA ALA B 156 3.84 20.99 18.88
C ALA B 156 3.06 20.10 19.81
N VAL B 157 2.58 19.01 19.24
CA VAL B 157 1.96 17.93 19.98
C VAL B 157 2.58 16.60 19.55
N ARG B 158 2.94 15.77 20.53
CA ARG B 158 3.41 14.39 20.32
C ARG B 158 2.25 13.45 20.58
N GLY B 159 2.00 12.51 19.69
CA GLY B 159 0.96 11.51 19.94
C GLY B 159 0.72 10.58 18.76
N LEU B 160 -0.46 9.96 18.78
CA LEU B 160 -0.85 9.03 17.75
C LEU B 160 -1.22 9.78 16.46
N ILE B 161 -0.64 9.34 15.35
CA ILE B 161 -1.03 9.84 14.04
C ILE B 161 -1.69 8.68 13.32
N VAL B 162 -2.86 8.92 12.73
CA VAL B 162 -3.56 7.89 12.00
C VAL B 162 -3.55 8.17 10.50
N SER B 163 -3.48 7.10 9.71
CA SER B 163 -3.40 7.21 8.27
C SER B 163 -4.49 6.41 7.60
N GLY B 164 -4.89 6.89 6.43
CA GLY B 164 -5.84 6.22 5.57
C GLY B 164 -5.76 6.78 4.19
N ASP B 165 -6.50 6.18 3.27
CA ASP B 165 -6.56 6.65 1.90
C ASP B 165 -7.73 7.61 1.65
N ALA B 166 -8.09 8.34 2.68
CA ALA B 166 -9.16 9.34 2.60
C ALA B 166 -8.69 10.70 3.11
N PHE B 167 -9.10 11.75 2.42
CA PHE B 167 -8.90 13.11 2.89
C PHE B 167 -10.10 13.47 3.79
N ILE B 168 -9.82 13.71 5.05
CA ILE B 168 -10.85 13.88 6.05
C ILE B 168 -11.37 15.32 5.99
N ASN B 169 -12.69 15.46 5.94
CA ASN B 169 -13.41 16.70 5.63
C ASN B 169 -14.70 16.79 6.45
N GLY B 170 -14.59 16.66 7.76
CA GLY B 170 -15.72 16.69 8.65
C GLY B 170 -16.68 15.51 8.47
N SER B 171 -17.92 15.72 8.93
CA SER B 171 -19.01 14.78 8.73
C SER B 171 -18.63 13.41 9.32
N VAL B 172 -19.13 12.36 8.71
CA VAL B 172 -19.02 11.04 9.32
CA VAL B 172 -19.02 11.00 9.23
C VAL B 172 -17.58 10.53 9.27
N GLY B 173 -16.80 10.96 8.28
CA GLY B 173 -15.42 10.54 8.22
C GLY B 173 -14.62 10.98 9.43
N LEU B 174 -14.79 12.24 9.81
CA LEU B 174 -14.15 12.74 11.02
C LEU B 174 -14.73 12.09 12.27
N ALA B 175 -16.05 11.97 12.32
CA ALA B 175 -16.67 11.37 13.49
C ALA B 175 -16.18 9.93 13.73
N LYS B 176 -15.99 9.17 12.66
CA LYS B 176 -15.54 7.79 12.76
C LYS B 176 -14.14 7.75 13.35
N ILE B 177 -13.25 8.64 12.89
CA ILE B 177 -11.91 8.69 13.45
C ILE B 177 -11.92 9.08 14.93
N ARG B 178 -12.70 10.10 15.28
N ARG B 178 -12.69 10.11 15.30
CA ARG B 178 -12.74 10.56 16.66
CA ARG B 178 -12.67 10.52 16.71
C ARG B 178 -13.25 9.45 17.59
C ARG B 178 -13.24 9.42 17.61
N HIS B 179 -14.22 8.66 17.11
CA HIS B 179 -14.79 7.55 17.86
C HIS B 179 -13.79 6.40 18.04
N ASN B 180 -13.15 5.98 16.94
CA ASN B 180 -12.27 4.79 16.97
C ASN B 180 -10.90 5.09 17.54
N PHE B 181 -10.44 6.33 17.34
CA PHE B 181 -9.10 6.77 17.77
C PHE B 181 -9.18 8.12 18.45
N PRO B 182 -9.83 8.17 19.62
CA PRO B 182 -9.95 9.46 20.30
C PRO B 182 -8.64 10.07 20.76
N ASP B 183 -7.58 9.25 20.80
CA ASP B 183 -6.24 9.74 21.11
C ASP B 183 -5.47 10.24 19.92
N ALA B 184 -6.00 10.09 18.71
CA ALA B 184 -5.25 10.57 17.55
C ALA B 184 -5.10 12.10 17.58
N VAL B 185 -3.89 12.59 17.36
CA VAL B 185 -3.61 14.03 17.35
C VAL B 185 -3.62 14.61 15.95
N ALA B 186 -3.51 13.74 14.95
CA ALA B 186 -3.51 14.18 13.55
C ALA B 186 -3.83 13.02 12.64
N VAL B 187 -4.27 13.35 11.43
CA VAL B 187 -4.61 12.41 10.41
C VAL B 187 -3.91 12.79 9.11
N GLU B 188 -3.44 11.78 8.40
CA GLU B 188 -2.85 12.01 7.08
C GLU B 188 -2.97 10.74 6.24
N MET B 189 -2.22 10.64 5.14
CA MET B 189 -2.47 9.60 4.15
C MET B 189 -1.28 8.68 3.82
N GLU B 190 -0.18 8.76 4.59
CA GLU B 190 1.01 7.98 4.28
C GLU B 190 1.74 7.40 5.47
N ALA B 191 1.70 8.07 6.62
CA ALA B 191 2.67 7.82 7.66
C ALA B 191 2.71 6.36 8.09
N THR B 192 1.54 5.78 8.32
CA THR B 192 1.48 4.43 8.86
C THR B 192 2.01 3.43 7.85
N ALA B 193 1.80 3.71 6.58
CA ALA B 193 2.35 2.87 5.52
C ALA B 193 3.87 2.85 5.56
N ILE B 194 4.45 4.01 5.72
CA ILE B 194 5.89 4.11 5.85
C ILE B 194 6.39 3.41 7.11
N ALA B 195 5.67 3.58 8.22
CA ALA B 195 6.03 2.92 9.46
C ALA B 195 6.01 1.41 9.29
N HIS B 196 5.03 0.92 8.54
CA HIS B 196 4.89 -0.51 8.31
C HIS B 196 6.06 -1.08 7.51
N VAL B 197 6.45 -0.38 6.44
CA VAL B 197 7.61 -0.81 5.69
C VAL B 197 8.86 -0.74 6.60
N CYS B 198 9.04 0.34 7.34
CA CYS B 198 10.18 0.45 8.25
C CYS B 198 10.20 -0.64 9.30
N HIS B 199 9.04 -1.03 9.79
CA HIS B 199 8.91 -2.09 10.77
C HIS B 199 9.46 -3.40 10.19
N ASN B 200 9.10 -3.64 8.95
CA ASN B 200 9.50 -4.87 8.31
C ASN B 200 11.02 -4.99 8.09
N PHE B 201 11.68 -3.84 8.01
CA PHE B 201 13.13 -3.79 7.85
C PHE B 201 13.90 -3.35 9.08
N ASN B 202 13.19 -3.14 10.21
CA ASN B 202 13.79 -2.66 11.47
CA ASN B 202 13.85 -2.70 11.45
C ASN B 202 14.59 -1.36 11.31
N VAL B 203 14.00 -0.42 10.59
CA VAL B 203 14.56 0.91 10.35
C VAL B 203 13.84 1.92 11.24
N PRO B 204 14.57 2.67 12.08
CA PRO B 204 13.93 3.68 12.92
C PRO B 204 13.17 4.70 12.09
N PHE B 205 11.98 5.06 12.59
CA PHE B 205 11.08 5.93 11.89
C PHE B 205 10.46 6.96 12.84
N VAL B 206 10.17 8.15 12.29
CA VAL B 206 9.40 9.15 12.99
C VAL B 206 8.66 10.00 11.97
N VAL B 207 7.49 10.48 12.38
CA VAL B 207 6.71 11.47 11.61
C VAL B 207 6.92 12.85 12.24
N VAL B 208 7.31 13.82 11.41
CA VAL B 208 7.40 15.21 11.79
C VAL B 208 6.69 16.00 10.70
N ARG B 209 5.41 16.28 10.92
CA ARG B 209 4.59 17.02 9.98
C ARG B 209 4.08 18.32 10.57
N ALA B 210 3.52 19.15 9.72
CA ALA B 210 2.95 20.40 10.16
C ALA B 210 1.50 20.50 9.71
N ILE B 211 0.70 21.23 10.48
CA ILE B 211 -0.72 21.24 10.29
C ILE B 211 -1.14 22.20 9.16
N SER B 212 -1.93 21.68 8.24
CA SER B 212 -2.47 22.43 7.11
C SER B 212 -3.94 22.76 7.23
N ASP B 213 -4.62 22.05 8.14
CA ASP B 213 -6.06 22.08 8.27
C ASP B 213 -6.44 21.30 9.51
N VAL B 214 -7.71 21.38 9.92
CA VAL B 214 -8.15 20.63 11.13
C VAL B 214 -9.21 19.57 10.80
N ALA B 215 -9.20 19.08 9.56
CA ALA B 215 -9.94 17.89 9.16
C ALA B 215 -11.45 18.07 9.28
N ASP B 216 -11.87 19.33 9.30
CA ASP B 216 -13.27 19.69 9.47
C ASP B 216 -13.93 19.93 8.12
N GLN B 217 -15.14 20.51 8.14
CA GLN B 217 -15.90 20.79 6.93
CA GLN B 217 -15.82 20.63 6.84
C GLN B 217 -15.18 21.66 5.91
N GLN B 218 -14.24 22.47 6.41
CA GLN B 218 -13.50 23.42 5.58
C GLN B 218 -12.08 22.96 5.28
N SER B 219 -11.76 21.70 5.57
CA SER B 219 -10.38 21.23 5.45
C SER B 219 -9.80 21.32 4.05
N HIS B 220 -10.63 21.16 3.04
CA HIS B 220 -10.15 21.26 1.67
C HIS B 220 -9.70 22.69 1.35
N LEU B 221 -10.44 23.66 1.85
CA LEU B 221 -10.13 25.08 1.61
C LEU B 221 -8.91 25.48 2.42
N SER B 222 -8.84 25.01 3.66
CA SER B 222 -7.70 25.31 4.50
CA SER B 222 -7.70 25.32 4.51
C SER B 222 -6.44 24.69 3.90
N PHE B 223 -6.52 23.42 3.48
CA PHE B 223 -5.37 22.74 2.87
C PHE B 223 -4.85 23.52 1.66
N ASP B 224 -5.76 23.91 0.79
CA ASP B 224 -5.36 24.70 -0.38
C ASP B 224 -4.62 25.97 0.02
N GLU B 225 -5.14 26.67 1.01
CA GLU B 225 -4.55 27.93 1.42
C GLU B 225 -3.23 27.78 2.19
N PHE B 226 -3.13 26.72 2.99
CA PHE B 226 -2.06 26.62 4.00
C PHE B 226 -1.09 25.49 3.81
N LEU B 227 -1.21 24.76 2.71
CA LEU B 227 -0.20 23.74 2.39
C LEU B 227 1.20 24.34 2.40
N ALA B 228 1.36 25.52 1.81
CA ALA B 228 2.68 26.14 1.74
C ALA B 228 3.23 26.48 3.11
N VAL B 229 2.38 26.93 4.02
CA VAL B 229 2.81 27.21 5.39
C VAL B 229 3.23 25.92 6.11
N ALA B 230 2.45 24.87 5.95
CA ALA B 230 2.81 23.59 6.55
C ALA B 230 4.14 23.09 5.98
N ALA B 231 4.33 23.26 4.68
CA ALA B 231 5.58 22.84 4.06
C ALA B 231 6.77 23.64 4.65
N LYS B 232 6.59 24.94 4.80
CA LYS B 232 7.64 25.78 5.36
C LYS B 232 8.05 25.35 6.76
N GLN B 233 7.05 25.13 7.62
CA GLN B 233 7.36 24.77 9.01
C GLN B 233 7.90 23.33 9.15
N SER B 234 7.33 22.39 8.41
CA SER B 234 7.85 21.05 8.44
CA SER B 234 7.84 21.03 8.40
C SER B 234 9.29 21.01 7.89
N THR B 235 9.57 21.79 6.85
CA THR B 235 10.92 21.87 6.27
C THR B 235 11.91 22.41 7.29
N LEU B 236 11.54 23.45 8.01
CA LEU B 236 12.40 23.99 9.07
C LEU B 236 12.73 22.93 10.13
N MET B 237 11.70 22.21 10.56
CA MET B 237 11.90 21.13 11.50
C MET B 237 12.85 20.05 10.95
N VAL B 238 12.56 19.61 9.74
CA VAL B 238 13.32 18.53 9.17
C VAL B 238 14.79 18.92 8.99
N GLU B 239 15.07 20.10 8.49
CA GLU B 239 16.44 20.56 8.32
CA GLU B 239 16.46 20.46 8.28
C GLU B 239 17.18 20.56 9.63
N THR B 240 16.49 21.03 10.67
CA THR B 240 17.09 21.09 12.00
C THR B 240 17.37 19.70 12.59
N LEU B 241 16.41 18.80 12.39
CA LEU B 241 16.51 17.44 12.87
C LEU B 241 17.61 16.64 12.12
N VAL B 242 17.69 16.84 10.80
CA VAL B 242 18.73 16.18 10.01
C VAL B 242 20.07 16.49 10.64
N GLN B 243 20.32 17.75 10.95
CA GLN B 243 21.60 18.15 11.52
C GLN B 243 21.84 17.50 12.88
N LYS B 244 20.80 17.41 13.70
CA LYS B 244 20.92 16.79 15.01
C LYS B 244 21.25 15.29 14.93
N LEU B 245 20.84 14.63 13.86
CA LEU B 245 20.99 13.19 13.70
C LEU B 245 22.23 12.80 12.89
N ALA B 246 22.90 13.76 12.28
CA ALA B 246 23.94 13.51 11.30
C ALA B 246 25.07 12.60 11.75
N HIS B 247 25.40 12.71 13.04
CA HIS B 247 26.58 12.06 13.59
C HIS B 247 26.28 10.91 14.51
N GLY B 248 25.06 10.40 14.46
CA GLY B 248 24.63 9.31 15.33
C GLY B 248 24.38 9.79 16.76
C1 PGE C . -21.18 -12.65 7.60
O1 PGE C . -21.97 -13.68 7.00
C2 PGE C . -20.72 -13.11 8.99
O2 PGE C . -19.34 -12.82 9.20
C3 PGE C . -18.55 -13.98 9.49
C4 PGE C . -17.05 -13.65 9.60
O4 PGE C . -15.41 -15.53 5.82
C6 PGE C . -16.02 -15.76 7.11
C5 PGE C . -15.44 -14.85 8.20
O3 PGE C . -16.26 -14.84 9.36
O1 PG4 D . 21.49 -4.34 -2.49
C1 PG4 D . 22.22 -5.47 -1.96
C2 PG4 D . 22.46 -6.53 -3.03
O2 PG4 D . 21.26 -7.28 -3.29
C3 PG4 D . 20.53 -6.64 -4.34
C4 PG4 D . 19.14 -7.18 -4.67
O3 PG4 D . 18.50 -6.20 -5.50
C5 PG4 D . 17.78 -5.18 -4.79
C6 PG4 D . 17.66 -3.84 -5.53
O4 PG4 D . 18.93 -3.17 -5.56
C7 PG4 D . 18.91 -1.76 -5.28
C8 PG4 D . 20.33 -1.20 -5.31
O5 PG4 D . 20.74 -0.91 -6.67
O1 PG4 E . -4.78 -14.87 8.94
C1 PG4 E . -5.72 -13.89 9.40
C2 PG4 E . -6.09 -13.03 8.20
O2 PG4 E . -7.42 -12.53 8.27
C3 PG4 E . -7.64 -11.46 7.34
C4 PG4 E . -8.82 -11.76 6.43
O3 PG4 E . -8.40 -12.44 5.26
C5 PG4 E . -9.45 -13.22 4.69
C6 PG4 E . -9.01 -13.77 3.34
O4 PG4 E . -9.36 -12.83 2.33
C7 PG4 E . -10.41 -13.29 1.48
C8 PG4 E . -11.10 -12.07 0.87
O5 PG4 E . -12.51 -12.30 0.88
C1 EDO F . 10.65 -3.15 -11.94
O1 EDO F . 11.76 -2.31 -11.58
C2 EDO F . 10.20 -2.92 -13.38
O2 EDO F . 11.22 -3.35 -14.27
C1 EDO G . 16.38 -2.18 -16.00
O1 EDO G . 16.78 -2.65 -14.71
C2 EDO G . 15.36 -3.15 -16.62
O2 EDO G . 14.02 -2.73 -16.32
C1 EDO H . 2.06 -28.18 -18.00
O1 EDO H . 3.43 -27.80 -18.04
C2 EDO H . 1.34 -27.46 -16.88
O2 EDO H . 0.48 -28.37 -16.19
C1 EDO I . -8.58 14.30 -13.06
O1 EDO I . -8.83 13.20 -13.94
C2 EDO I . -9.64 14.36 -11.97
O2 EDO I . -9.49 15.52 -11.12
C1 EDO J . 10.52 -27.78 0.61
O1 EDO J . 9.98 -27.05 -0.50
C2 EDO J . 11.86 -28.39 0.27
O2 EDO J . 12.91 -27.73 1.00
C1 EDO K . -15.85 -12.91 1.78
O1 EDO K . -14.93 -11.90 1.29
C2 EDO K . -15.12 -14.23 1.89
O2 EDO K . -14.82 -14.58 3.23
C1 PEG L . -12.33 -22.44 -7.43
O1 PEG L . -12.76 -23.07 -8.63
C2 PEG L . -12.65 -23.40 -6.27
O2 PEG L . -13.94 -24.01 -6.42
C3 PEG L . -14.42 -24.73 -5.27
C4 PEG L . -15.94 -24.61 -5.15
O4 PEG L . -16.59 -25.28 -6.24
N9 ADE M . -3.28 15.60 5.15
C8 ADE M . -3.40 16.91 5.38
N7 ADE M . -4.66 17.17 5.80
C5 ADE M . -5.36 16.02 5.75
C6 ADE M . -6.75 15.60 6.00
N6 ADE M . -7.67 16.50 6.46
N1 ADE M . -7.08 14.31 5.80
C2 ADE M . -6.17 13.40 5.41
N3 ADE M . -4.88 13.70 5.14
C4 ADE M . -4.45 14.98 5.30
C1 PGE N . 17.65 -2.07 5.85
O1 PGE N . 19.02 -2.14 5.48
C2 PGE N . 16.82 -1.83 4.59
O2 PGE N . 17.12 -2.85 3.64
C3 PGE N . 16.20 -2.83 2.55
C4 PGE N . 16.40 -4.10 1.74
O4 PGE N . 20.05 -4.15 -0.52
C6 PGE N . 18.77 -4.62 -1.00
C5 PGE N . 17.93 -5.09 0.19
O3 PGE N . 17.65 -3.98 1.06
C1 PGE O . -4.23 20.78 -3.82
O1 PGE O . -2.91 21.06 -4.33
C2 PGE O . -4.74 19.43 -4.34
O2 PGE O . -4.08 18.34 -3.69
C3 PGE O . -4.54 17.05 -4.11
C4 PGE O . -5.16 16.29 -2.93
O4 PGE O . -2.46 14.91 0.14
C6 PGE O . -3.77 15.40 0.40
C5 PGE O . -4.64 15.24 -0.85
O3 PGE O . -4.21 16.13 -1.88
O1 PG4 P . 27.85 26.05 -8.28
C1 PG4 P . 26.66 26.68 -7.81
C2 PG4 P . 25.64 25.57 -7.53
O2 PG4 P . 24.60 25.91 -6.59
C3 PG4 P . 24.34 24.82 -5.70
C4 PG4 P . 22.85 24.43 -5.59
O3 PG4 P . 22.71 23.40 -4.59
C5 PG4 P . 22.26 23.83 -3.30
C6 PG4 P . 23.44 24.48 -2.62
O4 PG4 P . 23.36 24.52 -1.20
C7 PG4 P . 24.47 25.26 -0.68
C8 PG4 P . 25.26 24.46 0.35
O5 PG4 P . 26.64 24.24 -0.02
C1 EDO Q . -5.40 14.75 21.93
O1 EDO Q . -4.40 14.05 22.68
C2 EDO Q . -6.17 13.79 21.03
O2 EDO Q . -6.84 14.51 19.99
#